data_7USV
#
_entry.id   7USV
#
_cell.length_a   48.083
_cell.length_b   101.221
_cell.length_c   148.185
_cell.angle_alpha   90.000
_cell.angle_beta   90.000
_cell.angle_gamma   90.000
#
_symmetry.space_group_name_H-M   'P 21 21 21'
#
loop_
_entity.id
_entity.type
_entity.pdbx_description
1 polymer 'Gametocyte surface protein P230'
2 polymer 'Nanobody F10'
3 non-polymer 'SULFATE ION'
4 water water
#
loop_
_entity_poly.entity_id
_entity_poly.type
_entity_poly.pdbx_seq_one_letter_code
_entity_poly.pdbx_strand_id
1 'polypeptide(L)'
;GASTNKEYVCDFTDQLKPTESGPKVKKCEVKVNEPLIKVKIICPLKGSVEKLYDNIEYVPKKSPYVVLTKEETKLKEKLL
SKLIYGLLISPTVNEKENNFKEGVIEFTLPPVVHKATVFYFICDNSKTEDDNKKGNRGIVEVYVEPYG
;
A,B
2 'polypeptide(L)'
;QVQLQESGGGLVQAGGSLRLSCAASGRTFSDYFMGWFRQAPGKEREFVAAVSWSGGSTYYADSVKGRFTISRDNAKNTVF
LQMNSLKPEDTAVYYCAGGGSYYPMSPYDGMDYWGKGTQVTVSSHHHHHH
;
D,C
#
loop_
_chem_comp.id
_chem_comp.type
_chem_comp.name
_chem_comp.formula
SO4 non-polymer 'SULFATE ION' 'O4 S -2'
#
# COMPACT_ATOMS: atom_id res chain seq x y z
N THR A 4 17.27 -12.11 -4.95
CA THR A 4 16.41 -13.05 -5.65
C THR A 4 15.73 -12.38 -6.84
N ASN A 5 15.75 -13.04 -7.99
CA ASN A 5 15.18 -12.53 -9.23
C ASN A 5 14.05 -13.43 -9.73
N LYS A 6 13.28 -13.98 -8.80
CA LYS A 6 12.14 -14.81 -9.17
C LYS A 6 11.05 -13.95 -9.82
N GLU A 7 10.59 -14.36 -10.99
CA GLU A 7 9.72 -13.49 -11.78
C GLU A 7 8.86 -14.31 -12.75
N TYR A 8 7.55 -14.08 -12.70
CA TYR A 8 6.64 -14.51 -13.75
C TYR A 8 6.54 -13.41 -14.79
N VAL A 9 6.46 -13.80 -16.07
CA VAL A 9 6.36 -12.84 -17.17
C VAL A 9 5.19 -13.27 -18.05
N CYS A 10 4.16 -12.42 -18.11
CA CYS A 10 3.05 -12.58 -19.05
C CYS A 10 3.27 -11.61 -20.20
N ASP A 11 3.89 -12.09 -21.28
CA ASP A 11 4.21 -11.24 -22.43
C ASP A 11 3.18 -11.49 -23.51
N PHE A 12 2.30 -10.51 -23.73
CA PHE A 12 1.23 -10.61 -24.71
C PHE A 12 1.61 -10.05 -26.07
N THR A 13 2.89 -9.70 -26.27
CA THR A 13 3.30 -9.02 -27.50
C THR A 13 2.93 -9.84 -28.73
N ASP A 14 3.41 -11.08 -28.80
CA ASP A 14 3.18 -11.95 -29.95
C ASP A 14 2.00 -12.90 -29.75
N GLN A 15 1.20 -12.72 -28.70
CA GLN A 15 0.05 -13.58 -28.46
C GLN A 15 -1.25 -12.98 -29.00
N LEU A 16 -1.34 -11.67 -29.13
CA LEU A 16 -2.60 -10.99 -29.40
C LEU A 16 -2.66 -10.39 -30.80
N LYS A 17 -1.66 -10.63 -31.64
CA LYS A 17 -1.67 -10.06 -32.98
C LYS A 17 -2.84 -10.65 -33.78
N PRO A 18 -3.40 -9.89 -34.71
CA PRO A 18 -4.53 -10.40 -35.50
C PRO A 18 -4.13 -11.61 -36.35
N THR A 19 -4.92 -12.67 -36.24
CA THR A 19 -4.73 -13.86 -37.06
C THR A 19 -6.09 -14.33 -37.57
N GLU A 20 -6.05 -15.33 -38.47
CA GLU A 20 -7.26 -15.80 -39.12
C GLU A 20 -8.25 -16.39 -38.12
N SER A 21 -7.74 -17.14 -37.13
CA SER A 21 -8.62 -17.77 -36.16
C SER A 21 -9.08 -16.81 -35.06
N GLY A 22 -8.47 -15.62 -34.96
CA GLY A 22 -8.85 -14.66 -33.94
C GLY A 22 -10.26 -14.13 -34.15
N PRO A 23 -10.89 -13.65 -33.07
CA PRO A 23 -10.31 -13.54 -31.72
C PRO A 23 -10.45 -14.81 -30.88
N LYS A 24 -9.41 -15.13 -30.13
CA LYS A 24 -9.44 -16.22 -29.16
C LYS A 24 -8.78 -15.74 -27.87
N VAL A 25 -9.00 -16.50 -26.80
CA VAL A 25 -8.54 -16.12 -25.47
C VAL A 25 -7.13 -16.65 -25.26
N LYS A 26 -6.24 -15.79 -24.80
CA LYS A 26 -4.89 -16.16 -24.40
C LYS A 26 -4.77 -15.92 -22.90
N LYS A 27 -4.65 -17.00 -22.13
CA LYS A 27 -4.63 -16.91 -20.67
C LYS A 27 -3.22 -17.14 -20.15
N CYS A 28 -2.79 -16.28 -19.22
CA CYS A 28 -1.53 -16.41 -18.49
C CYS A 28 -1.87 -16.66 -17.03
N GLU A 29 -1.65 -17.88 -16.57
CA GLU A 29 -1.97 -18.26 -15.21
C GLU A 29 -0.74 -18.11 -14.32
N VAL A 30 -0.87 -17.33 -13.25
CA VAL A 30 0.24 -16.97 -12.37
C VAL A 30 -0.04 -17.60 -11.00
N LYS A 31 0.74 -18.61 -10.64
CA LYS A 31 0.51 -19.36 -9.41
C LYS A 31 1.52 -18.92 -8.36
N VAL A 32 1.02 -18.37 -7.25
CA VAL A 32 1.86 -17.76 -6.23
C VAL A 32 1.54 -18.42 -4.90
N ASN A 33 2.52 -19.16 -4.35
CA ASN A 33 2.43 -19.63 -2.97
C ASN A 33 3.79 -19.63 -2.30
N GLU A 34 4.66 -18.71 -2.68
CA GLU A 34 5.97 -18.46 -2.09
C GLU A 34 6.15 -16.96 -1.96
N PRO A 35 6.98 -16.51 -1.01
CA PRO A 35 7.22 -15.08 -0.89
C PRO A 35 8.11 -14.57 -2.02
N LEU A 36 8.14 -13.24 -2.15
CA LEU A 36 9.08 -12.51 -3.00
C LEU A 36 8.89 -12.77 -4.49
N ILE A 37 7.70 -13.17 -4.93
CA ILE A 37 7.47 -13.45 -6.34
C ILE A 37 7.08 -12.16 -7.05
N LYS A 38 7.89 -11.76 -8.03
CA LYS A 38 7.61 -10.60 -8.85
C LYS A 38 6.82 -11.02 -10.09
N VAL A 39 5.84 -10.20 -10.46
CA VAL A 39 4.97 -10.46 -11.60
C VAL A 39 5.11 -9.31 -12.59
N LYS A 40 5.37 -9.65 -13.85
CA LYS A 40 5.54 -8.65 -14.90
C LYS A 40 4.59 -8.96 -16.05
N ILE A 41 3.79 -7.97 -16.43
CA ILE A 41 2.81 -8.13 -17.50
C ILE A 41 3.11 -7.11 -18.59
N ILE A 42 3.35 -7.60 -19.81
CA ILE A 42 3.66 -6.76 -20.96
C ILE A 42 2.45 -6.76 -21.88
N CYS A 43 1.84 -5.58 -22.07
CA CYS A 43 0.68 -5.42 -22.92
C CYS A 43 1.06 -4.49 -24.06
N PRO A 44 1.03 -4.94 -25.31
CA PRO A 44 1.55 -4.11 -26.40
C PRO A 44 0.78 -2.82 -26.57
N LEU A 45 1.50 -1.74 -26.82
CA LEU A 45 0.91 -0.41 -26.90
C LEU A 45 0.29 -0.16 -28.26
N LYS A 46 -0.84 0.55 -28.27
CA LYS A 46 -1.42 1.02 -29.51
C LYS A 46 -0.40 1.89 -30.25
N GLY A 47 -0.14 1.54 -31.50
CA GLY A 47 0.81 2.27 -32.31
C GLY A 47 2.26 1.86 -32.12
N SER A 48 2.55 0.97 -31.18
CA SER A 48 3.92 0.45 -31.05
C SER A 48 4.36 -0.20 -32.35
N VAL A 49 3.46 -0.92 -33.00
CA VAL A 49 3.62 -1.40 -34.37
C VAL A 49 2.39 -0.96 -35.15
N GLU A 50 2.58 -0.68 -36.44
CA GLU A 50 1.48 -0.17 -37.25
C GLU A 50 0.36 -1.20 -37.36
N LYS A 51 -0.88 -0.73 -37.16
CA LYS A 51 -2.11 -1.46 -37.46
C LYS A 51 -2.41 -2.61 -36.51
N LEU A 52 -1.39 -3.28 -35.99
CA LEU A 52 -1.62 -4.55 -35.30
C LEU A 52 -2.33 -4.38 -33.96
N TYR A 53 -2.16 -3.23 -33.30
CA TYR A 53 -2.78 -3.01 -31.99
C TYR A 53 -3.57 -1.72 -31.96
N ASP A 54 -4.16 -1.32 -33.10
CA ASP A 54 -4.77 0.00 -33.20
C ASP A 54 -5.91 0.19 -32.21
N ASN A 55 -6.61 -0.88 -31.83
CA ASN A 55 -7.75 -0.77 -30.94
C ASN A 55 -7.58 -1.64 -29.69
N ILE A 56 -6.34 -1.89 -29.28
CA ILE A 56 -6.10 -2.66 -28.07
C ILE A 56 -6.59 -1.87 -26.85
N GLU A 57 -6.83 -2.60 -25.76
CA GLU A 57 -7.44 -2.06 -24.56
C GLU A 57 -6.94 -2.86 -23.36
N TYR A 58 -6.61 -2.16 -22.27
CA TYR A 58 -6.18 -2.81 -21.04
C TYR A 58 -7.12 -2.44 -19.91
N VAL A 59 -7.36 -3.41 -19.01
CA VAL A 59 -8.29 -3.25 -17.89
C VAL A 59 -7.68 -3.93 -16.67
N PRO A 60 -7.72 -3.30 -15.48
CA PRO A 60 -8.15 -1.92 -15.24
C PRO A 60 -7.11 -0.91 -15.71
N LYS A 61 -7.54 0.33 -15.95
CA LYS A 61 -6.60 1.36 -16.36
C LYS A 61 -5.58 1.66 -15.27
N LYS A 62 -5.98 1.55 -14.00
CA LYS A 62 -5.10 1.84 -12.87
C LYS A 62 -4.31 0.62 -12.40
N SER A 63 -4.12 -0.36 -13.27
CA SER A 63 -3.27 -1.50 -12.92
C SER A 63 -1.87 -0.98 -12.63
N PRO A 64 -1.15 -1.57 -11.66
CA PRO A 64 -1.54 -2.70 -10.81
C PRO A 64 -2.15 -2.29 -9.47
N TYR A 65 -2.37 -1.00 -9.25
CA TYR A 65 -3.02 -0.56 -8.02
C TYR A 65 -4.45 -1.07 -7.94
N VAL A 66 -5.13 -1.17 -9.08
CA VAL A 66 -6.49 -1.68 -9.16
C VAL A 66 -6.49 -2.94 -10.02
N VAL A 67 -7.22 -3.96 -9.58
CA VAL A 67 -7.29 -5.24 -10.26
C VAL A 67 -8.76 -5.62 -10.43
N LEU A 68 -8.98 -6.69 -11.19
CA LEU A 68 -10.31 -7.26 -11.36
C LEU A 68 -10.46 -8.49 -10.48
N THR A 69 -11.60 -8.60 -9.81
CA THR A 69 -11.94 -9.78 -9.03
C THR A 69 -13.36 -10.20 -9.35
N LYS A 70 -13.63 -11.48 -9.12
CA LYS A 70 -14.86 -12.13 -9.57
C LYS A 70 -15.87 -12.14 -8.42
N GLU A 71 -16.92 -11.34 -8.54
CA GLU A 71 -18.04 -11.33 -7.61
C GLU A 71 -19.28 -11.77 -8.39
N GLU A 72 -19.93 -12.84 -7.92
CA GLU A 72 -20.98 -13.54 -8.68
C GLU A 72 -20.33 -13.95 -10.00
N THR A 73 -20.92 -13.63 -11.15
CA THR A 73 -20.27 -13.83 -12.43
C THR A 73 -19.62 -12.57 -12.97
N LYS A 74 -19.72 -11.46 -12.24
CA LYS A 74 -19.31 -10.15 -12.71
C LYS A 74 -17.89 -9.83 -12.24
N LEU A 75 -17.03 -9.45 -13.18
CA LEU A 75 -15.71 -8.95 -12.83
C LEU A 75 -15.83 -7.53 -12.28
N LYS A 76 -15.22 -7.29 -11.13
CA LYS A 76 -15.31 -6.01 -10.44
C LYS A 76 -13.92 -5.47 -10.17
N GLU A 77 -13.74 -4.17 -10.36
CA GLU A 77 -12.48 -3.51 -10.05
C GLU A 77 -12.35 -3.31 -8.55
N LYS A 78 -11.21 -3.71 -8.00
CA LYS A 78 -10.95 -3.58 -6.57
C LYS A 78 -9.50 -3.17 -6.35
N LEU A 79 -9.26 -2.51 -5.22
CA LEU A 79 -7.90 -2.09 -4.87
C LEU A 79 -7.11 -3.29 -4.38
N LEU A 80 -5.97 -3.55 -5.02
CA LEU A 80 -5.18 -4.73 -4.67
C LEU A 80 -4.66 -4.63 -3.24
N SER A 81 -4.30 -3.41 -2.80
CA SER A 81 -3.85 -3.24 -1.41
C SER A 81 -4.95 -3.56 -0.42
N LYS A 82 -6.20 -3.55 -0.83
CA LYS A 82 -7.29 -3.96 0.04
C LYS A 82 -7.39 -5.48 0.13
N LEU A 83 -7.15 -6.17 -1.00
CA LEU A 83 -7.24 -7.63 -1.00
C LEU A 83 -6.05 -8.27 -0.30
N ILE A 84 -4.88 -7.62 -0.35
CA ILE A 84 -3.64 -8.22 0.13
C ILE A 84 -2.96 -7.18 1.00
N TYR A 85 -3.10 -7.34 2.33
CA TYR A 85 -2.51 -6.37 3.25
C TYR A 85 -1.00 -6.43 3.22
N GLY A 86 -0.37 -5.26 3.30
CA GLY A 86 1.07 -5.16 3.22
C GLY A 86 1.62 -5.15 1.82
N LEU A 87 0.78 -5.00 0.80
CA LEU A 87 1.28 -4.93 -0.56
C LEU A 87 1.92 -3.57 -0.83
N LEU A 88 3.07 -3.60 -1.49
CA LEU A 88 3.77 -2.39 -1.91
C LEU A 88 4.00 -2.46 -3.41
N ILE A 89 3.76 -1.34 -4.09
CA ILE A 89 3.92 -1.24 -5.54
C ILE A 89 5.01 -0.22 -5.83
N SER A 90 5.98 -0.60 -6.64
CA SER A 90 7.00 0.36 -7.06
C SER A 90 6.35 1.42 -7.95
N PRO A 91 6.52 2.71 -7.64
CA PRO A 91 5.91 3.74 -8.49
C PRO A 91 6.39 3.70 -9.93
N THR A 92 7.61 3.19 -10.15
CA THR A 92 8.22 3.17 -11.47
C THR A 92 8.77 1.79 -11.78
N VAL A 93 8.89 1.50 -13.07
CA VAL A 93 9.48 0.26 -13.57
C VAL A 93 10.49 0.66 -14.64
N ASN A 94 11.78 0.48 -14.33
CA ASN A 94 12.86 0.90 -15.22
C ASN A 94 12.73 2.38 -15.61
N GLU A 95 12.42 3.20 -14.60
CA GLU A 95 12.35 4.67 -14.70
C GLU A 95 11.15 5.16 -15.49
N LYS A 96 10.13 4.33 -15.69
CA LYS A 96 8.87 4.76 -16.28
C LYS A 96 7.73 4.46 -15.32
N GLU A 97 6.63 5.19 -15.46
CA GLU A 97 5.47 4.98 -14.60
C GLU A 97 5.02 3.52 -14.67
N ASN A 98 4.68 2.96 -13.50
CA ASN A 98 4.20 1.59 -13.40
C ASN A 98 2.72 1.54 -13.77
N ASN A 99 2.47 1.70 -15.06
CA ASN A 99 1.11 1.75 -15.59
C ASN A 99 1.11 1.18 -17.01
N PHE A 100 0.00 0.55 -17.39
CA PHE A 100 -0.07 -0.07 -18.71
C PHE A 100 0.15 0.94 -19.83
N LYS A 101 -0.12 2.23 -19.58
CA LYS A 101 0.13 3.26 -20.59
C LYS A 101 1.60 3.29 -21.02
N GLU A 102 2.50 2.73 -20.22
CA GLU A 102 3.89 2.56 -20.60
C GLU A 102 4.18 1.19 -21.21
N GLY A 103 3.17 0.33 -21.33
CA GLY A 103 3.33 -0.95 -21.98
C GLY A 103 3.62 -2.11 -21.04
N VAL A 104 3.94 -1.87 -19.78
CA VAL A 104 4.31 -2.93 -18.85
C VAL A 104 4.00 -2.49 -17.43
N ILE A 105 3.52 -3.42 -16.61
CA ILE A 105 3.33 -3.22 -15.18
C ILE A 105 4.06 -4.33 -14.44
N GLU A 106 4.40 -4.05 -13.18
CA GLU A 106 5.08 -5.01 -12.32
C GLU A 106 4.60 -4.86 -10.89
N PHE A 107 4.61 -5.96 -10.15
CA PHE A 107 4.33 -5.92 -8.73
C PHE A 107 4.89 -7.17 -8.07
N THR A 108 5.21 -7.04 -6.78
CA THR A 108 5.68 -8.17 -5.97
C THR A 108 4.77 -8.33 -4.76
N LEU A 109 4.30 -9.55 -4.53
CA LEU A 109 3.46 -9.82 -3.38
C LEU A 109 4.30 -9.88 -2.10
N PRO A 110 3.69 -9.57 -0.96
CA PRO A 110 4.46 -9.41 0.30
C PRO A 110 4.96 -10.75 0.83
N PRO A 111 5.86 -10.73 1.82
CA PRO A 111 6.42 -12.01 2.30
C PRO A 111 5.42 -12.89 3.02
N VAL A 112 4.32 -12.34 3.53
CA VAL A 112 3.30 -13.12 4.22
C VAL A 112 1.94 -12.77 3.63
N VAL A 113 1.19 -13.81 3.27
CA VAL A 113 -0.20 -13.68 2.81
C VAL A 113 -1.02 -14.70 3.58
N HIS A 114 -2.04 -14.22 4.31
CA HIS A 114 -2.86 -15.11 5.11
C HIS A 114 -4.09 -15.62 4.38
N LYS A 115 -4.62 -14.88 3.42
CA LYS A 115 -5.88 -15.20 2.77
C LYS A 115 -5.66 -15.54 1.31
N ALA A 116 -6.26 -16.64 0.86
CA ALA A 116 -6.22 -17.00 -0.55
C ALA A 116 -7.03 -16.00 -1.37
N THR A 117 -6.52 -15.67 -2.55
CA THR A 117 -7.11 -14.63 -3.38
C THR A 117 -6.81 -14.90 -4.84
N VAL A 118 -7.76 -14.54 -5.70
CA VAL A 118 -7.61 -14.60 -7.15
C VAL A 118 -7.98 -13.23 -7.73
N PHE A 119 -7.12 -12.68 -8.59
CA PHE A 119 -7.45 -11.44 -9.28
C PHE A 119 -6.93 -11.51 -10.71
N TYR A 120 -7.35 -10.52 -11.51
CA TYR A 120 -7.19 -10.59 -12.96
C TYR A 120 -6.76 -9.26 -13.54
N PHE A 121 -6.11 -9.34 -14.71
CA PHE A 121 -5.88 -8.20 -15.59
C PHE A 121 -6.33 -8.60 -16.99
N ILE A 122 -6.64 -7.59 -17.81
CA ILE A 122 -7.09 -7.81 -19.18
C ILE A 122 -6.25 -6.98 -20.13
N CYS A 123 -5.75 -7.60 -21.19
CA CYS A 123 -5.07 -6.92 -22.29
C CYS A 123 -5.74 -7.44 -23.56
N ASP A 124 -6.71 -6.67 -24.08
CA ASP A 124 -7.68 -7.13 -25.05
C ASP A 124 -7.48 -6.44 -26.39
N ASN A 125 -7.10 -7.22 -27.41
CA ASN A 125 -6.91 -6.72 -28.77
C ASN A 125 -7.96 -7.24 -29.74
N SER A 126 -9.07 -7.79 -29.24
CA SER A 126 -10.05 -8.43 -30.11
C SER A 126 -10.89 -7.43 -30.90
N LYS A 127 -10.75 -6.12 -30.64
CA LYS A 127 -11.45 -5.10 -31.40
C LYS A 127 -10.57 -4.45 -32.46
N THR A 128 -9.38 -5.01 -32.71
CA THR A 128 -8.51 -4.57 -33.78
C THR A 128 -8.67 -5.50 -34.97
N GLU A 129 -8.82 -4.92 -36.17
CA GLU A 129 -8.87 -5.68 -37.40
C GLU A 129 -7.78 -5.21 -38.36
N ASP A 130 -7.11 -6.17 -39.00
CA ASP A 130 -6.07 -5.88 -39.97
C ASP A 130 -6.05 -7.01 -40.98
N ASP A 131 -6.20 -6.67 -42.27
CA ASP A 131 -6.25 -7.65 -43.35
C ASP A 131 -7.28 -8.74 -43.08
N ASN A 132 -8.46 -8.32 -42.62
CA ASN A 132 -9.59 -9.19 -42.34
C ASN A 132 -9.29 -10.22 -41.24
N LYS A 133 -8.33 -9.90 -40.37
CA LYS A 133 -7.99 -10.73 -39.22
C LYS A 133 -8.20 -9.93 -37.94
N LYS A 134 -8.60 -10.62 -36.87
CA LYS A 134 -8.90 -9.98 -35.60
C LYS A 134 -7.85 -10.35 -34.55
N GLY A 135 -7.53 -9.40 -33.69
CA GLY A 135 -6.61 -9.66 -32.59
C GLY A 135 -7.24 -10.55 -31.52
N ASN A 136 -6.41 -10.95 -30.57
CA ASN A 136 -6.83 -11.87 -29.53
C ASN A 136 -7.06 -11.14 -28.21
N ARG A 137 -7.76 -11.83 -27.30
CA ARG A 137 -8.09 -11.29 -25.99
C ARG A 137 -7.21 -11.96 -24.94
N GLY A 138 -6.36 -11.18 -24.28
CA GLY A 138 -5.45 -11.69 -23.28
C GLY A 138 -5.98 -11.46 -21.86
N ILE A 139 -5.77 -12.45 -21.00
CA ILE A 139 -6.25 -12.41 -19.62
C ILE A 139 -5.18 -12.98 -18.71
N VAL A 140 -4.91 -12.30 -17.61
CA VAL A 140 -4.01 -12.77 -16.56
C VAL A 140 -4.83 -13.21 -15.37
N GLU A 141 -4.60 -14.43 -14.90
CA GLU A 141 -5.17 -14.90 -13.64
C GLU A 141 -4.05 -15.10 -12.65
N VAL A 142 -4.08 -14.35 -11.56
CA VAL A 142 -3.13 -14.51 -10.46
C VAL A 142 -3.84 -15.31 -9.37
N TYR A 143 -3.29 -16.50 -9.08
CA TYR A 143 -3.83 -17.39 -8.05
C TYR A 143 -2.87 -17.37 -6.87
N VAL A 144 -3.31 -16.78 -5.76
CA VAL A 144 -2.49 -16.64 -4.56
C VAL A 144 -3.04 -17.58 -3.50
N GLU A 145 -2.20 -18.45 -3.00
CA GLU A 145 -2.45 -19.29 -1.85
C GLU A 145 -1.73 -18.73 -0.63
N PRO A 146 -2.26 -18.93 0.57
CA PRO A 146 -1.58 -18.44 1.77
C PRO A 146 -0.17 -19.02 1.89
N TYR A 147 0.77 -18.17 2.29
CA TYR A 147 2.15 -18.59 2.50
C TYR A 147 2.79 -17.68 3.54
N GLY A 148 3.80 -18.22 4.20
CA GLY A 148 4.45 -17.50 5.28
C GLY A 148 3.56 -17.40 6.50
N ASN B 5 2.16 5.09 20.86
CA ASN B 5 0.80 5.48 20.54
C ASN B 5 0.69 6.99 20.28
N LYS B 6 1.59 7.52 19.46
CA LYS B 6 1.54 8.91 19.07
C LYS B 6 0.40 9.11 18.07
N GLU B 7 -0.57 9.96 18.42
CA GLU B 7 -1.81 10.04 17.64
C GLU B 7 -2.36 11.46 17.59
N TYR B 8 -2.69 11.92 16.39
CA TYR B 8 -3.50 13.12 16.19
C TYR B 8 -4.97 12.71 16.11
N VAL B 9 -5.83 13.45 16.80
CA VAL B 9 -7.27 13.17 16.78
C VAL B 9 -7.99 14.41 16.28
N CYS B 10 -8.62 14.29 15.11
CA CYS B 10 -9.53 15.32 14.58
C CYS B 10 -10.95 14.87 14.89
N ASP B 11 -11.48 15.33 16.02
CA ASP B 11 -12.80 14.92 16.49
C ASP B 11 -13.79 16.03 16.16
N PHE B 12 -14.64 15.78 15.16
CA PHE B 12 -15.63 16.76 14.71
C PHE B 12 -16.97 16.63 15.41
N THR B 13 -17.04 15.86 16.51
CA THR B 13 -18.33 15.59 17.15
C THR B 13 -19.03 16.87 17.60
N ASP B 14 -18.26 17.84 18.11
CA ASP B 14 -18.83 19.06 18.67
C ASP B 14 -18.30 20.29 17.96
N GLN B 15 -18.11 20.19 16.64
CA GLN B 15 -17.62 21.31 15.85
C GLN B 15 -18.58 21.77 14.74
N LEU B 16 -19.50 20.92 14.30
CA LEU B 16 -20.23 21.17 13.07
C LEU B 16 -21.74 21.34 13.25
N LYS B 17 -22.24 21.31 14.47
CA LYS B 17 -23.68 21.43 14.66
C LYS B 17 -24.18 22.79 14.17
N PRO B 18 -25.43 22.86 13.69
CA PRO B 18 -25.95 24.12 13.14
C PRO B 18 -25.83 25.26 14.14
N THR B 19 -25.43 26.42 13.63
CA THR B 19 -25.22 27.60 14.45
C THR B 19 -25.50 28.84 13.62
N GLU B 20 -25.74 29.96 14.31
CA GLU B 20 -26.01 31.22 13.65
C GLU B 20 -24.82 32.18 13.70
N SER B 21 -23.67 31.73 14.21
CA SER B 21 -22.52 32.61 14.35
C SER B 21 -21.24 31.79 14.35
N GLY B 22 -20.12 32.49 14.20
CA GLY B 22 -18.82 31.86 14.19
C GLY B 22 -18.34 31.53 12.79
N PRO B 23 -17.10 31.08 12.67
CA PRO B 23 -16.58 30.68 11.36
C PRO B 23 -17.41 29.55 10.76
N LYS B 24 -17.55 29.58 9.43
CA LYS B 24 -18.26 28.53 8.74
C LYS B 24 -17.39 27.29 8.51
N VAL B 25 -16.08 27.40 8.71
CA VAL B 25 -15.14 26.32 8.47
C VAL B 25 -14.42 25.99 9.76
N LYS B 26 -14.39 24.72 10.12
CA LYS B 26 -13.60 24.21 11.23
C LYS B 26 -12.49 23.34 10.64
N LYS B 27 -11.24 23.77 10.84
CA LYS B 27 -10.08 23.15 10.20
C LYS B 27 -9.22 22.43 11.24
N CYS B 28 -8.90 21.16 10.95
CA CYS B 28 -8.01 20.36 11.78
C CYS B 28 -6.69 20.20 11.02
N GLU B 29 -5.67 20.93 11.43
CA GLU B 29 -4.35 20.88 10.82
C GLU B 29 -3.53 19.78 11.50
N VAL B 30 -3.00 18.87 10.70
CA VAL B 30 -2.24 17.72 11.18
C VAL B 30 -0.82 17.84 10.64
N LYS B 31 0.12 18.20 11.52
CA LYS B 31 1.49 18.51 11.12
C LYS B 31 2.38 17.30 11.37
N VAL B 32 2.95 16.74 10.31
CA VAL B 32 3.66 15.47 10.35
C VAL B 32 5.07 15.68 9.82
N ASN B 33 6.08 15.50 10.69
CA ASN B 33 7.46 15.47 10.24
C ASN B 33 8.32 14.57 11.13
N GLU B 34 7.73 13.51 11.67
CA GLU B 34 8.44 12.47 12.41
C GLU B 34 7.78 11.15 12.08
N PRO B 35 8.44 10.02 12.29
CA PRO B 35 7.90 8.75 11.83
C PRO B 35 6.79 8.19 12.70
N LEU B 36 5.95 7.37 12.06
CA LEU B 36 4.98 6.50 12.75
C LEU B 36 3.93 7.29 13.52
N ILE B 37 3.46 8.38 12.93
CA ILE B 37 2.38 9.16 13.53
C ILE B 37 1.04 8.58 13.08
N LYS B 38 0.17 8.30 14.05
CA LYS B 38 -1.17 7.82 13.79
C LYS B 38 -2.13 9.00 13.71
N VAL B 39 -3.08 8.93 12.78
CA VAL B 39 -4.08 9.98 12.59
C VAL B 39 -5.46 9.33 12.71
N LYS B 40 -6.34 9.96 13.49
CA LYS B 40 -7.69 9.48 13.69
C LYS B 40 -8.66 10.63 13.43
N ILE B 41 -9.66 10.40 12.58
CA ILE B 41 -10.65 11.42 12.23
C ILE B 41 -12.04 10.87 12.55
N ILE B 42 -12.77 11.59 13.40
CA ILE B 42 -14.12 11.22 13.80
C ILE B 42 -15.08 12.23 13.17
N CYS B 43 -15.96 11.75 12.30
CA CYS B 43 -16.96 12.55 11.60
C CYS B 43 -18.36 12.06 11.97
N PRO B 44 -19.23 12.88 12.56
CA PRO B 44 -20.50 12.35 13.06
C PRO B 44 -21.42 11.90 11.94
N LEU B 45 -22.11 10.79 12.17
CA LEU B 45 -22.96 10.20 11.16
C LEU B 45 -24.33 10.87 11.11
N LYS B 46 -24.93 10.89 9.92
CA LYS B 46 -26.29 11.37 9.77
C LYS B 46 -27.22 10.58 10.68
N GLY B 47 -28.00 11.30 11.49
CA GLY B 47 -28.93 10.66 12.39
C GLY B 47 -28.35 10.13 13.68
N SER B 48 -27.03 10.30 13.91
CA SER B 48 -26.48 9.98 15.23
C SER B 48 -27.14 10.82 16.31
N VAL B 49 -27.43 12.08 16.00
CA VAL B 49 -28.35 12.92 16.74
C VAL B 49 -29.47 13.30 15.78
N GLU B 50 -30.64 13.60 16.34
CA GLU B 50 -31.80 13.92 15.52
C GLU B 50 -31.66 15.31 14.91
N LYS B 51 -31.68 15.38 13.58
CA LYS B 51 -31.88 16.55 12.73
C LYS B 51 -30.64 17.44 12.60
N LEU B 52 -29.56 17.21 13.35
CA LEU B 52 -28.44 18.14 13.31
C LEU B 52 -27.37 17.77 12.28
N TYR B 53 -27.38 16.53 11.77
CA TYR B 53 -26.47 16.12 10.72
C TYR B 53 -27.24 15.50 9.54
N ASP B 54 -28.48 15.93 9.33
CA ASP B 54 -29.34 15.31 8.33
C ASP B 54 -28.76 15.41 6.93
N ASN B 55 -28.01 16.48 6.64
CA ASN B 55 -27.40 16.69 5.34
C ASN B 55 -25.88 16.63 5.39
N ILE B 56 -25.32 15.99 6.42
CA ILE B 56 -23.87 15.88 6.49
C ILE B 56 -23.35 14.97 5.38
N GLU B 57 -22.08 15.16 5.04
CA GLU B 57 -21.45 14.40 3.98
C GLU B 57 -19.95 14.36 4.26
N TYR B 58 -19.29 13.28 3.83
CA TYR B 58 -17.85 13.12 3.98
C TYR B 58 -17.23 12.88 2.61
N VAL B 59 -16.03 13.44 2.42
CA VAL B 59 -15.32 13.35 1.16
C VAL B 59 -13.84 13.09 1.44
N PRO B 60 -13.17 12.16 0.75
CA PRO B 60 -13.75 11.20 -0.19
C PRO B 60 -14.55 10.09 0.48
N LYS B 61 -15.48 9.48 -0.25
CA LYS B 61 -16.27 8.40 0.31
C LYS B 61 -15.41 7.19 0.65
N LYS B 62 -14.33 6.98 -0.09
CA LYS B 62 -13.43 5.86 0.13
C LYS B 62 -12.28 6.20 1.08
N SER B 63 -12.42 7.23 1.91
CA SER B 63 -11.42 7.50 2.93
C SER B 63 -11.27 6.29 3.85
N PRO B 64 -10.06 6.01 4.34
CA PRO B 64 -8.83 6.77 4.12
C PRO B 64 -8.00 6.29 2.93
N TYR B 65 -8.51 5.30 2.19
CA TYR B 65 -7.78 4.80 1.03
C TYR B 65 -7.62 5.87 -0.04
N VAL B 66 -8.59 6.77 -0.15
CA VAL B 66 -8.59 7.85 -1.12
C VAL B 66 -8.61 9.17 -0.36
N VAL B 67 -7.80 10.13 -0.81
CA VAL B 67 -7.72 11.44 -0.19
C VAL B 67 -7.88 12.50 -1.27
N LEU B 68 -8.04 13.75 -0.84
CA LEU B 68 -8.10 14.88 -1.74
C LEU B 68 -6.77 15.63 -1.74
N THR B 69 -6.27 15.96 -2.93
CA THR B 69 -5.06 16.75 -3.08
C THR B 69 -5.33 17.90 -4.04
N LYS B 70 -4.70 19.04 -3.75
CA LYS B 70 -4.93 20.26 -4.51
C LYS B 70 -4.09 20.26 -5.78
N GLU B 71 -4.74 20.25 -6.94
CA GLU B 71 -4.08 20.36 -8.24
C GLU B 71 -4.63 21.58 -8.96
N GLU B 72 -3.83 22.64 -9.01
CA GLU B 72 -4.15 23.87 -9.75
C GLU B 72 -5.51 24.43 -9.34
N THR B 73 -5.62 24.73 -8.04
CA THR B 73 -6.82 25.31 -7.43
C THR B 73 -8.05 24.41 -7.54
N LYS B 74 -7.85 23.12 -7.80
CA LYS B 74 -8.93 22.14 -7.83
C LYS B 74 -8.52 20.92 -7.04
N LEU B 75 -9.39 20.49 -6.12
CA LEU B 75 -9.13 19.34 -5.27
C LEU B 75 -9.50 18.06 -6.00
N LYS B 76 -8.51 17.19 -6.23
CA LYS B 76 -8.70 15.93 -6.93
C LYS B 76 -8.47 14.76 -5.97
N GLU B 77 -9.23 13.69 -6.19
CA GLU B 77 -9.11 12.48 -5.37
C GLU B 77 -7.97 11.62 -5.89
N LYS B 78 -7.14 11.14 -4.96
CA LYS B 78 -6.01 10.30 -5.32
C LYS B 78 -5.81 9.22 -4.28
N LEU B 79 -5.26 8.08 -4.73
CA LEU B 79 -5.02 6.95 -3.84
C LEU B 79 -3.89 7.27 -2.87
N LEU B 80 -4.15 7.10 -1.57
CA LEU B 80 -3.18 7.51 -0.56
C LEU B 80 -1.95 6.61 -0.56
N SER B 81 -2.13 5.30 -0.76
CA SER B 81 -0.98 4.40 -0.73
C SER B 81 -0.04 4.65 -1.90
N LYS B 82 -0.56 5.19 -3.01
CA LYS B 82 0.31 5.61 -4.10
C LYS B 82 0.92 6.97 -3.83
N LEU B 83 0.21 7.82 -3.09
CA LEU B 83 0.72 9.17 -2.81
C LEU B 83 1.89 9.13 -1.83
N ILE B 84 1.86 8.20 -0.88
CA ILE B 84 2.89 8.09 0.15
C ILE B 84 3.28 6.62 0.23
N TYR B 85 4.46 6.29 -0.30
CA TYR B 85 4.92 4.91 -0.34
C TYR B 85 5.03 4.33 1.06
N GLY B 86 4.31 3.23 1.29
CA GLY B 86 4.41 2.50 2.54
C GLY B 86 3.41 2.86 3.61
N LEU B 87 2.40 3.68 3.31
CA LEU B 87 1.40 4.04 4.30
C LEU B 87 0.63 2.80 4.75
N LEU B 88 0.17 2.83 6.00
CA LEU B 88 -0.45 1.66 6.64
C LEU B 88 -1.90 1.97 6.95
N ILE B 89 -2.80 1.16 6.39
CA ILE B 89 -4.24 1.26 6.63
C ILE B 89 -4.73 -0.10 7.10
N SER B 90 -5.14 -0.18 8.35
CA SER B 90 -5.77 -1.40 8.84
C SER B 90 -7.16 -1.53 8.22
N PRO B 91 -7.59 -2.74 7.88
CA PRO B 91 -8.94 -2.91 7.32
C PRO B 91 -10.04 -2.48 8.27
N THR B 92 -9.85 -2.66 9.58
CA THR B 92 -10.87 -2.32 10.56
C THR B 92 -10.29 -1.40 11.63
N VAL B 93 -11.19 -0.67 12.27
CA VAL B 93 -10.87 0.17 13.43
C VAL B 93 -11.88 -0.19 14.51
N ASN B 94 -11.41 -0.82 15.58
CA ASN B 94 -12.27 -1.27 16.67
C ASN B 94 -13.39 -2.17 16.16
N GLU B 95 -13.00 -3.21 15.43
CA GLU B 95 -13.86 -4.28 14.94
C GLU B 95 -14.84 -3.82 13.86
N LYS B 96 -14.71 -2.60 13.35
CA LYS B 96 -15.59 -2.08 12.31
C LYS B 96 -14.77 -1.56 11.14
N GLU B 97 -15.38 -1.60 9.96
CA GLU B 97 -14.66 -1.23 8.73
C GLU B 97 -14.06 0.17 8.85
N ASN B 98 -12.84 0.32 8.34
CA ASN B 98 -12.13 1.60 8.36
C ASN B 98 -12.70 2.49 7.25
N ASN B 99 -13.87 3.06 7.54
CA ASN B 99 -14.58 3.89 6.58
C ASN B 99 -15.45 4.88 7.35
N PHE B 100 -15.59 6.08 6.78
CA PHE B 100 -16.42 7.10 7.42
C PHE B 100 -17.85 6.63 7.62
N LYS B 101 -18.30 5.67 6.82
CA LYS B 101 -19.61 5.05 7.03
C LYS B 101 -19.78 4.57 8.47
N GLU B 102 -18.68 4.21 9.13
CA GLU B 102 -18.72 3.83 10.53
C GLU B 102 -18.40 4.99 11.46
N GLY B 103 -18.23 6.20 10.92
CA GLY B 103 -18.07 7.39 11.74
C GLY B 103 -16.65 7.77 12.09
N VAL B 104 -15.66 6.93 11.79
CA VAL B 104 -14.28 7.22 12.13
C VAL B 104 -13.36 6.50 11.15
N ILE B 105 -12.20 7.11 10.87
CA ILE B 105 -11.15 6.49 10.09
C ILE B 105 -9.82 6.71 10.78
N GLU B 106 -8.86 5.83 10.47
CA GLU B 106 -7.52 5.89 11.04
C GLU B 106 -6.50 5.45 10.00
N PHE B 107 -5.30 6.03 10.08
CA PHE B 107 -4.17 5.57 9.30
C PHE B 107 -2.89 5.99 10.02
N THR B 108 -1.79 5.32 9.67
CA THR B 108 -0.47 5.64 10.20
C THR B 108 0.49 5.87 9.04
N LEU B 109 1.22 6.98 9.10
CA LEU B 109 2.23 7.32 8.10
C LEU B 109 3.50 6.49 8.33
N PRO B 110 4.29 6.28 7.27
CA PRO B 110 5.38 5.30 7.33
C PRO B 110 6.61 5.86 8.02
N PRO B 111 7.64 5.04 8.26
CA PRO B 111 8.84 5.56 8.94
C PRO B 111 9.67 6.53 8.11
N VAL B 112 9.51 6.54 6.79
CA VAL B 112 10.31 7.40 5.92
C VAL B 112 9.38 8.03 4.88
N VAL B 113 9.47 9.35 4.73
CA VAL B 113 8.83 10.08 3.65
C VAL B 113 9.86 11.00 3.02
N HIS B 114 9.99 10.93 1.69
CA HIS B 114 11.00 11.70 0.98
C HIS B 114 10.50 13.03 0.42
N LYS B 115 9.27 13.07 -0.11
CA LYS B 115 8.75 14.26 -0.76
C LYS B 115 7.63 14.87 0.07
N ALA B 116 7.68 16.19 0.25
CA ALA B 116 6.63 16.89 0.98
C ALA B 116 5.28 16.70 0.29
N THR B 117 4.24 16.47 1.10
CA THR B 117 2.91 16.17 0.60
C THR B 117 1.86 16.81 1.48
N VAL B 118 0.79 17.31 0.87
CA VAL B 118 -0.37 17.84 1.57
C VAL B 118 -1.63 17.19 0.99
N PHE B 119 -2.47 16.63 1.87
CA PHE B 119 -3.73 16.05 1.43
C PHE B 119 -4.82 16.37 2.45
N TYR B 120 -6.06 16.09 2.08
CA TYR B 120 -7.21 16.60 2.81
C TYR B 120 -8.31 15.55 2.92
N PHE B 121 -9.10 15.69 3.99
CA PHE B 121 -10.41 15.05 4.13
C PHE B 121 -11.46 16.12 4.41
N ILE B 122 -12.72 15.82 4.11
CA ILE B 122 -13.82 16.76 4.30
C ILE B 122 -14.95 16.08 5.07
N CYS B 123 -15.43 16.75 6.12
CA CYS B 123 -16.58 16.32 6.92
C CYS B 123 -17.52 17.54 6.96
N ASP B 124 -18.47 17.59 6.02
CA ASP B 124 -19.18 18.82 5.68
C ASP B 124 -20.63 18.75 6.15
N ASN B 125 -20.97 19.55 7.15
CA ASN B 125 -22.33 19.70 7.65
C ASN B 125 -22.97 21.01 7.22
N SER B 126 -22.39 21.72 6.24
CA SER B 126 -22.85 23.05 5.88
C SER B 126 -24.24 23.05 5.26
N LYS B 127 -24.74 21.90 4.79
CA LYS B 127 -26.03 21.83 4.13
C LYS B 127 -27.16 21.42 5.07
N THR B 128 -26.86 21.11 6.34
CA THR B 128 -27.91 20.90 7.33
C THR B 128 -28.41 22.26 7.81
N GLU B 129 -29.71 22.49 7.70
CA GLU B 129 -30.31 23.78 8.02
C GLU B 129 -31.32 23.62 9.15
N ASP B 130 -31.25 24.51 10.13
CA ASP B 130 -32.22 24.57 11.23
C ASP B 130 -32.51 26.04 11.49
N ASP B 131 -33.64 26.51 10.98
CA ASP B 131 -34.11 27.89 11.17
C ASP B 131 -33.05 28.82 10.59
N ASN B 132 -32.46 29.73 11.38
CA ASN B 132 -31.41 30.63 10.92
C ASN B 132 -30.03 29.99 10.98
N LYS B 133 -29.93 28.76 11.49
CA LYS B 133 -28.65 28.12 11.76
C LYS B 133 -28.31 27.11 10.66
N LYS B 134 -27.06 27.15 10.22
CA LYS B 134 -26.52 26.19 9.28
C LYS B 134 -25.28 25.53 9.88
N GLY B 135 -25.09 24.25 9.57
CA GLY B 135 -23.95 23.53 10.06
C GLY B 135 -22.64 24.06 9.50
N ASN B 136 -21.54 23.62 10.12
CA ASN B 136 -20.21 24.03 9.71
C ASN B 136 -19.59 23.00 8.77
N ARG B 137 -18.62 23.48 7.99
CA ARG B 137 -17.86 22.63 7.09
C ARG B 137 -16.53 22.28 7.76
N GLY B 138 -16.29 20.99 7.94
CA GLY B 138 -15.09 20.52 8.61
C GLY B 138 -14.05 20.03 7.61
N ILE B 139 -12.79 20.45 7.82
CA ILE B 139 -11.72 20.17 6.89
C ILE B 139 -10.51 19.66 7.66
N VAL B 140 -9.93 18.56 7.20
CA VAL B 140 -8.66 18.05 7.72
C VAL B 140 -7.58 18.33 6.68
N GLU B 141 -6.51 19.00 7.11
CA GLU B 141 -5.33 19.20 6.27
C GLU B 141 -4.16 18.47 6.91
N VAL B 142 -3.60 17.50 6.19
CA VAL B 142 -2.44 16.76 6.65
C VAL B 142 -1.23 17.31 5.90
N TYR B 143 -0.31 17.94 6.63
CA TYR B 143 0.88 18.55 6.07
C TYR B 143 2.08 17.68 6.44
N VAL B 144 2.62 16.96 5.46
CA VAL B 144 3.73 16.04 5.67
C VAL B 144 5.00 16.67 5.12
N GLU B 145 5.97 16.90 6.00
CA GLU B 145 7.32 17.26 5.59
C GLU B 145 8.18 16.02 5.51
N PRO B 146 9.24 16.04 4.71
CA PRO B 146 10.12 14.86 4.62
C PRO B 146 10.73 14.53 5.98
N TYR B 147 10.92 13.24 6.23
CA TYR B 147 11.51 12.79 7.49
C TYR B 147 12.03 11.37 7.30
N GLY B 148 13.04 11.02 8.09
CA GLY B 148 13.58 9.66 8.10
C GLY B 148 14.80 9.47 7.21
N GLN C 1 2.09 9.07 38.73
CA GLN C 1 2.60 8.90 37.38
C GLN C 1 3.50 10.07 36.98
N VAL C 2 3.32 10.54 35.75
CA VAL C 2 4.11 11.66 35.24
C VAL C 2 3.68 12.94 35.93
N GLN C 3 4.67 13.71 36.42
CA GLN C 3 4.42 14.98 37.08
C GLN C 3 5.17 16.09 36.35
N LEU C 4 4.54 17.25 36.26
CA LEU C 4 5.09 18.42 35.59
C LEU C 4 5.33 19.54 36.58
N GLN C 5 6.38 20.32 36.33
CA GLN C 5 6.78 21.40 37.23
C GLN C 5 7.28 22.57 36.40
N GLU C 6 6.56 23.69 36.47
CA GLU C 6 6.93 24.89 35.71
C GLU C 6 8.02 25.68 36.43
N SER C 7 8.78 26.44 35.65
CA SER C 7 9.83 27.31 36.18
C SER C 7 9.94 28.55 35.31
N GLY C 8 10.49 29.60 35.88
CA GLY C 8 10.89 30.77 35.12
C GLY C 8 9.96 31.98 35.17
N GLY C 9 8.87 31.91 35.94
CA GLY C 9 7.97 33.03 36.01
C GLY C 9 8.55 34.19 36.79
N GLY C 10 7.97 35.37 36.58
CA GLY C 10 8.42 36.55 37.31
C GLY C 10 7.85 37.81 36.71
N LEU C 11 8.53 38.92 37.00
CA LEU C 11 8.09 40.25 36.60
C LEU C 11 8.87 40.72 35.38
N VAL C 12 8.15 41.19 34.36
CA VAL C 12 8.76 41.66 33.11
C VAL C 12 8.13 43.00 32.76
N GLN C 13 8.93 43.90 32.19
CA GLN C 13 8.40 45.13 31.63
C GLN C 13 7.77 44.87 30.28
N ALA C 14 6.77 45.68 29.93
CA ALA C 14 6.17 45.58 28.60
C ALA C 14 7.21 45.76 27.52
N GLY C 15 7.09 44.99 26.44
CA GLY C 15 8.07 44.97 25.39
C GLY C 15 9.20 43.98 25.60
N GLY C 16 9.37 43.47 26.81
CA GLY C 16 10.46 42.57 27.12
C GLY C 16 10.18 41.13 26.72
N SER C 17 11.13 40.27 27.06
CA SER C 17 11.08 38.85 26.73
C SER C 17 11.33 38.01 27.97
N LEU C 18 10.80 36.80 27.95
CA LEU C 18 10.93 35.85 29.05
C LEU C 18 10.66 34.47 28.50
N ARG C 19 11.43 33.48 28.95
CA ARG C 19 11.17 32.10 28.54
C ARG C 19 10.95 31.24 29.78
N LEU C 20 9.84 30.52 29.77
CA LEU C 20 9.50 29.57 30.82
C LEU C 20 10.02 28.19 30.46
N SER C 21 10.14 27.33 31.47
CA SER C 21 10.48 25.94 31.26
C SER C 21 9.53 25.06 32.05
N CYS C 22 9.47 23.79 31.67
CA CYS C 22 8.65 22.82 32.40
C CYS C 22 9.35 21.47 32.35
N ALA C 23 9.65 20.92 33.52
CA ALA C 23 10.32 19.63 33.66
C ALA C 23 9.30 18.54 33.95
N ALA C 24 9.43 17.41 33.26
CA ALA C 24 8.53 16.28 33.43
C ALA C 24 9.24 15.16 34.17
N SER C 25 8.52 14.51 35.08
CA SER C 25 9.05 13.35 35.77
C SER C 25 9.06 12.14 34.85
N GLY C 26 9.81 11.12 35.25
CA GLY C 26 9.80 9.86 34.53
C GLY C 26 10.82 9.79 33.40
N ARG C 27 10.70 8.70 32.64
CA ARG C 27 11.61 8.39 31.55
C ARG C 27 10.86 8.11 30.26
N THR C 28 9.68 8.73 30.09
CA THR C 28 8.84 8.50 28.92
C THR C 28 8.49 9.81 28.22
N PHE C 29 9.34 10.84 28.34
CA PHE C 29 8.96 12.19 27.97
C PHE C 29 8.52 12.29 26.51
N SER C 30 9.26 11.66 25.61
CA SER C 30 8.97 11.73 24.18
C SER C 30 7.68 11.03 23.79
N ASP C 31 7.00 10.38 24.74
CA ASP C 31 5.68 9.83 24.46
C ASP C 31 4.57 10.87 24.52
N TYR C 32 4.88 12.12 24.89
CA TYR C 32 3.87 13.12 25.17
C TYR C 32 4.01 14.31 24.24
N PHE C 33 2.89 14.68 23.63
CA PHE C 33 2.71 16.01 23.04
C PHE C 33 2.59 17.02 24.18
N MET C 34 3.46 18.01 24.22
CA MET C 34 3.49 18.98 25.31
C MET C 34 2.84 20.29 24.90
N GLY C 35 2.21 20.97 25.86
CA GLY C 35 1.55 22.22 25.59
C GLY C 35 1.63 23.18 26.75
N TRP C 36 1.38 24.45 26.44
CA TRP C 36 1.27 25.51 27.44
C TRP C 36 -0.13 26.10 27.40
N PHE C 37 -0.67 26.38 28.59
CA PHE C 37 -1.95 27.05 28.74
C PHE C 37 -1.77 28.19 29.73
N ARG C 38 -2.73 29.12 29.79
CA ARG C 38 -2.62 30.25 30.70
C ARG C 38 -4.00 30.70 31.17
N GLN C 39 -4.04 31.21 32.40
CA GLN C 39 -5.24 31.82 32.96
C GLN C 39 -4.90 33.24 33.37
N ALA C 40 -5.41 34.21 32.63
CA ALA C 40 -5.23 35.62 32.95
C ALA C 40 -6.24 36.04 34.00
N PRO C 41 -5.98 37.14 34.70
CA PRO C 41 -6.96 37.65 35.66
C PRO C 41 -8.32 37.89 35.01
N GLY C 42 -9.36 37.39 35.67
CA GLY C 42 -10.72 37.61 35.21
C GLY C 42 -11.18 36.76 34.05
N LYS C 43 -10.39 35.77 33.63
CA LYS C 43 -10.71 35.01 32.43
C LYS C 43 -10.62 33.52 32.69
N GLU C 44 -11.25 32.75 31.81
CA GLU C 44 -11.06 31.31 31.80
C GLU C 44 -9.68 30.97 31.26
N ARG C 45 -9.23 29.75 31.55
CA ARG C 45 -7.94 29.30 31.07
C ARG C 45 -7.99 29.07 29.56
N GLU C 46 -6.90 29.40 28.86
CA GLU C 46 -6.87 29.37 27.40
C GLU C 46 -5.61 28.64 26.89
N PHE C 47 -5.72 28.10 25.68
CA PHE C 47 -4.59 27.48 25.01
C PHE C 47 -3.55 28.52 24.61
N VAL C 48 -2.27 28.16 24.70
CA VAL C 48 -1.20 29.05 24.27
C VAL C 48 -0.40 28.43 23.12
N ALA C 49 0.15 27.23 23.32
CA ALA C 49 1.07 26.64 22.35
C ALA C 49 1.28 25.17 22.68
N ALA C 50 1.71 24.41 21.67
CA ALA C 50 1.95 22.97 21.83
C ALA C 50 3.09 22.55 20.91
N VAL C 51 3.81 21.49 21.30
CA VAL C 51 4.96 20.99 20.55
C VAL C 51 4.87 19.48 20.46
N SER C 52 5.15 18.93 19.28
CA SER C 52 4.96 17.52 19.00
C SER C 52 5.97 16.67 19.77
N TRP C 53 5.70 15.35 19.79
CA TRP C 53 6.51 14.37 20.49
C TRP C 53 8.00 14.56 20.24
N SER C 54 8.43 14.49 18.97
CA SER C 54 9.83 14.67 18.61
C SER C 54 10.31 16.11 18.76
N GLY C 55 9.42 17.07 18.96
CA GLY C 55 9.78 18.46 18.87
C GLY C 55 9.72 19.05 17.47
N GLY C 56 9.30 18.25 16.49
CA GLY C 56 9.39 18.68 15.09
C GLY C 56 8.32 19.65 14.65
N SER C 57 7.12 19.58 15.25
CA SER C 57 6.00 20.41 14.84
C SER C 57 5.47 21.23 16.00
N THR C 58 4.97 22.43 15.69
CA THR C 58 4.49 23.35 16.70
C THR C 58 3.14 23.94 16.29
N TYR C 59 2.33 24.28 17.30
CA TYR C 59 1.03 24.92 17.15
C TYR C 59 0.97 26.12 18.08
N TYR C 60 0.32 27.20 17.64
CA TYR C 60 0.25 28.43 18.42
C TYR C 60 -1.17 28.99 18.40
N ALA C 61 -1.65 29.41 19.56
CA ALA C 61 -2.92 30.13 19.62
C ALA C 61 -2.80 31.45 18.86
N ASP C 62 -3.93 31.89 18.29
CA ASP C 62 -3.93 33.09 17.46
C ASP C 62 -3.50 34.33 18.22
N SER C 63 -3.76 34.37 19.54
CA SER C 63 -3.42 35.56 20.32
C SER C 63 -1.93 35.69 20.61
N VAL C 64 -1.15 34.63 20.46
CA VAL C 64 0.29 34.67 20.70
C VAL C 64 1.11 34.35 19.47
N LYS C 65 0.48 33.88 18.39
CA LYS C 65 1.23 33.42 17.23
C LYS C 65 2.10 34.55 16.67
N GLY C 66 3.37 34.23 16.44
CA GLY C 66 4.34 35.20 15.99
C GLY C 66 5.16 35.82 17.11
N ARG C 67 4.58 35.96 18.31
CA ARG C 67 5.28 36.53 19.45
C ARG C 67 5.86 35.45 20.37
N PHE C 68 5.14 34.34 20.56
CA PHE C 68 5.59 33.23 21.38
C PHE C 68 6.06 32.08 20.49
N THR C 69 7.08 31.36 20.95
CA THR C 69 7.56 30.15 20.28
C THR C 69 7.82 29.08 21.34
N ILE C 70 7.61 27.82 20.95
CA ILE C 70 7.70 26.69 21.86
C ILE C 70 8.71 25.69 21.32
N SER C 71 9.44 25.04 22.22
CA SER C 71 10.41 24.02 21.85
C SER C 71 10.56 23.05 23.01
N ARG C 72 11.32 21.98 22.78
CA ARG C 72 11.54 20.97 23.82
C ARG C 72 12.92 20.36 23.66
N ASP C 73 13.42 19.80 24.77
CA ASP C 73 14.70 19.07 24.82
C ASP C 73 14.39 17.71 25.43
N ASN C 74 14.28 16.68 24.58
CA ASN C 74 13.85 15.38 25.06
C ASN C 74 14.91 14.69 25.90
N ALA C 75 16.18 15.06 25.76
CA ALA C 75 17.22 14.49 26.61
C ALA C 75 17.17 15.04 28.03
N LYS C 76 16.56 16.20 28.24
CA LYS C 76 16.47 16.81 29.56
C LYS C 76 15.05 16.87 30.09
N ASN C 77 14.10 16.21 29.43
CA ASN C 77 12.71 16.16 29.87
C ASN C 77 12.14 17.56 30.12
N THR C 78 12.48 18.50 29.23
CA THR C 78 12.09 19.89 29.41
C THR C 78 11.42 20.42 28.15
N VAL C 79 10.36 21.21 28.35
CA VAL C 79 9.73 21.98 27.29
C VAL C 79 9.85 23.45 27.66
N PHE C 80 10.07 24.30 26.66
CA PHE C 80 10.30 25.72 26.86
C PHE C 80 9.24 26.55 26.14
N LEU C 81 8.90 27.69 26.73
CA LEU C 81 8.03 28.68 26.10
C LEU C 81 8.80 29.99 26.03
N GLN C 82 9.23 30.37 24.84
CA GLN C 82 9.90 31.65 24.63
C GLN C 82 8.85 32.70 24.30
N MET C 83 8.82 33.77 25.08
CA MET C 83 7.88 34.87 24.88
C MET C 83 8.66 36.10 24.47
N ASN C 84 8.31 36.69 23.32
CA ASN C 84 8.83 37.98 22.91
C ASN C 84 7.72 39.03 22.94
N SER C 85 8.12 40.29 23.05
CA SER C 85 7.20 41.43 22.95
C SER C 85 6.01 41.28 23.90
N LEU C 86 6.32 41.02 25.17
CA LEU C 86 5.28 40.79 26.16
C LEU C 86 4.41 42.03 26.35
N LYS C 87 3.12 41.81 26.54
CA LYS C 87 2.13 42.84 26.84
C LYS C 87 1.55 42.62 28.23
N PRO C 88 1.01 43.65 28.86
CA PRO C 88 0.30 43.44 30.14
C PRO C 88 -0.83 42.42 30.04
N GLU C 89 -1.45 42.28 28.87
CA GLU C 89 -2.49 41.27 28.67
C GLU C 89 -1.94 39.86 28.68
N ASP C 90 -0.62 39.69 28.61
CA ASP C 90 -0.02 38.38 28.77
C ASP C 90 0.16 37.99 30.24
N THR C 91 -0.14 38.89 31.17
CA THR C 91 -0.10 38.56 32.60
C THR C 91 -1.08 37.43 32.90
N ALA C 92 -0.58 36.39 33.57
CA ALA C 92 -1.33 35.15 33.76
C ALA C 92 -0.53 34.12 34.54
N VAL C 93 -1.21 33.10 35.07
CA VAL C 93 -0.55 31.88 35.51
C VAL C 93 -0.44 30.96 34.31
N TYR C 94 0.78 30.55 33.99
CA TYR C 94 1.05 29.69 32.84
C TYR C 94 1.20 28.25 33.29
N TYR C 95 0.50 27.34 32.61
CA TYR C 95 0.44 25.93 32.98
C TYR C 95 1.06 25.06 31.89
N CYS C 96 1.87 24.10 32.31
CA CYS C 96 2.42 23.07 31.44
C CYS C 96 1.49 21.86 31.43
N ALA C 97 1.44 21.14 30.30
CA ALA C 97 0.56 19.98 30.20
C ALA C 97 1.07 19.05 29.11
N GLY C 98 0.65 17.78 29.17
CA GLY C 98 1.08 16.80 28.20
C GLY C 98 0.08 15.66 28.07
N GLY C 99 0.16 14.98 26.92
CA GLY C 99 -0.69 13.83 26.64
C GLY C 99 -0.21 13.09 25.41
N GLY C 100 -0.44 11.78 25.42
CA GLY C 100 0.01 10.94 24.31
C GLY C 100 -0.66 11.27 22.98
N SER C 101 -1.92 11.67 23.03
CA SER C 101 -2.66 12.08 21.84
C SER C 101 -2.89 13.59 21.87
N TYR C 102 -3.00 14.19 20.69
CA TYR C 102 -3.19 15.63 20.55
C TYR C 102 -4.38 15.91 19.65
N TYR C 103 -5.19 16.90 20.05
CA TYR C 103 -6.41 17.32 19.35
C TYR C 103 -6.22 18.73 18.82
N PRO C 104 -5.89 18.92 17.54
CA PRO C 104 -5.59 20.29 17.06
C PRO C 104 -6.75 21.26 17.23
N MET C 105 -7.99 20.80 17.09
CA MET C 105 -9.14 21.70 17.18
C MET C 105 -9.56 21.99 18.62
N SER C 106 -9.12 21.19 19.59
CA SER C 106 -9.44 21.44 21.00
C SER C 106 -8.29 20.89 21.84
N PRO C 107 -7.22 21.66 21.98
CA PRO C 107 -5.98 21.11 22.56
C PRO C 107 -6.11 20.63 23.99
N TYR C 108 -7.16 21.04 24.71
CA TYR C 108 -7.39 20.50 26.06
C TYR C 108 -7.60 19.00 26.04
N ASP C 109 -8.32 18.51 25.01
CA ASP C 109 -8.94 17.19 25.08
C ASP C 109 -7.93 16.07 25.34
N GLY C 110 -6.73 16.20 24.76
CA GLY C 110 -5.74 15.14 24.87
C GLY C 110 -4.75 15.27 26.00
N MET C 111 -4.82 16.34 26.80
CA MET C 111 -3.90 16.52 27.91
C MET C 111 -4.32 15.65 29.08
N ASP C 112 -3.40 14.83 29.58
CA ASP C 112 -3.65 13.95 30.72
C ASP C 112 -2.89 14.32 31.97
N TYR C 113 -1.88 15.19 31.87
CA TYR C 113 -1.08 15.60 33.02
C TYR C 113 -0.92 17.11 33.01
N TRP C 114 -0.95 17.72 34.19
CA TRP C 114 -1.01 19.17 34.32
C TRP C 114 -0.04 19.64 35.38
N GLY C 115 0.77 20.65 35.06
CA GLY C 115 1.62 21.29 36.04
C GLY C 115 0.81 22.12 37.03
N LYS C 116 1.52 22.72 37.99
CA LYS C 116 0.87 23.52 39.01
C LYS C 116 0.80 25.01 38.67
N GLY C 117 1.56 25.46 37.68
CA GLY C 117 1.48 26.83 37.20
C GLY C 117 2.61 27.71 37.70
N THR C 118 2.95 28.73 36.91
CA THR C 118 3.91 29.75 37.31
C THR C 118 3.40 31.11 36.85
N GLN C 119 3.55 32.12 37.71
CA GLN C 119 2.99 33.44 37.46
C GLN C 119 3.94 34.28 36.60
N VAL C 120 3.36 34.97 35.62
CA VAL C 120 4.08 35.94 34.80
C VAL C 120 3.32 37.25 34.87
N THR C 121 4.01 38.32 35.26
CA THR C 121 3.39 39.63 35.45
C THR C 121 4.13 40.64 34.57
N VAL C 122 3.40 41.23 33.63
CA VAL C 122 3.95 42.21 32.70
C VAL C 122 3.41 43.58 33.09
N SER C 123 4.30 44.48 33.49
CA SER C 123 3.92 45.80 33.97
C SER C 123 3.99 46.82 32.83
N SER C 124 2.99 47.68 32.75
CA SER C 124 2.92 48.69 31.70
C SER C 124 3.64 49.97 32.12
N GLN D 1 28.46 -21.74 -16.62
CA GLN D 1 27.60 -21.56 -15.46
C GLN D 1 26.93 -22.88 -15.06
N VAL D 2 25.60 -22.83 -14.89
CA VAL D 2 24.84 -24.01 -14.50
C VAL D 2 24.86 -25.04 -15.62
N GLN D 3 25.02 -26.30 -15.25
CA GLN D 3 24.91 -27.42 -16.18
C GLN D 3 23.89 -28.41 -15.65
N LEU D 4 23.04 -28.90 -16.55
CA LEU D 4 21.98 -29.84 -16.20
C LEU D 4 22.26 -31.18 -16.85
N GLN D 5 21.99 -32.25 -16.11
CA GLN D 5 22.19 -33.61 -16.61
C GLN D 5 20.99 -34.47 -16.24
N GLU D 6 20.30 -35.00 -17.26
CA GLU D 6 19.19 -35.91 -17.04
C GLU D 6 19.69 -37.33 -16.79
N SER D 7 18.86 -38.12 -16.11
CA SER D 7 19.13 -39.54 -15.94
C SER D 7 17.81 -40.26 -15.73
N GLY D 8 17.85 -41.59 -15.85
CA GLY D 8 16.72 -42.42 -15.55
C GLY D 8 15.95 -42.95 -16.74
N GLY D 9 16.36 -42.61 -17.96
CA GLY D 9 15.65 -43.09 -19.13
C GLY D 9 15.92 -44.56 -19.39
N GLY D 10 15.05 -45.15 -20.20
CA GLY D 10 15.22 -46.54 -20.57
C GLY D 10 13.96 -47.08 -21.23
N LEU D 11 13.96 -48.41 -21.44
CA LEU D 11 12.83 -49.09 -22.04
C LEU D 11 11.80 -49.43 -20.96
N VAL D 12 10.55 -49.01 -21.19
CA VAL D 12 9.45 -49.30 -20.30
C VAL D 12 8.31 -49.89 -21.11
N GLN D 13 7.47 -50.67 -20.45
CA GLN D 13 6.28 -51.23 -21.07
C GLN D 13 5.10 -50.28 -20.90
N ALA D 14 4.18 -50.33 -21.86
CA ALA D 14 2.99 -49.49 -21.79
C ALA D 14 2.18 -49.82 -20.54
N GLY D 15 1.69 -48.78 -19.87
CA GLY D 15 0.98 -48.92 -18.63
C GLY D 15 1.84 -48.76 -17.39
N GLY D 16 3.17 -48.82 -17.53
CA GLY D 16 4.05 -48.75 -16.39
C GLY D 16 4.38 -47.33 -15.97
N SER D 17 5.27 -47.24 -14.98
CA SER D 17 5.74 -45.95 -14.48
C SER D 17 7.26 -45.88 -14.58
N LEU D 18 7.75 -44.64 -14.65
CA LEU D 18 9.17 -44.37 -14.68
C LEU D 18 9.40 -42.98 -14.11
N ARG D 19 10.43 -42.83 -13.28
CA ARG D 19 10.76 -41.54 -12.69
C ARG D 19 12.08 -41.05 -13.28
N LEU D 20 12.05 -39.87 -13.91
CA LEU D 20 13.27 -39.24 -14.39
C LEU D 20 13.80 -38.26 -13.35
N SER D 21 15.10 -38.00 -13.42
CA SER D 21 15.72 -37.01 -12.54
C SER D 21 16.65 -36.12 -13.36
N CYS D 22 16.96 -34.96 -12.79
CA CYS D 22 17.83 -33.98 -13.43
C CYS D 22 18.65 -33.29 -12.35
N ALA D 23 19.97 -33.36 -12.46
CA ALA D 23 20.87 -32.74 -11.49
C ALA D 23 21.44 -31.44 -12.05
N ALA D 24 21.59 -30.45 -11.18
CA ALA D 24 22.09 -29.13 -11.56
C ALA D 24 23.36 -28.83 -10.76
N SER D 25 24.38 -28.36 -11.46
CA SER D 25 25.62 -27.97 -10.79
C SER D 25 25.46 -26.61 -10.14
N GLY D 26 26.39 -26.30 -9.23
CA GLY D 26 26.43 -24.98 -8.64
C GLY D 26 25.63 -24.87 -7.35
N ARG D 27 25.46 -23.61 -6.93
CA ARG D 27 24.82 -23.28 -5.67
C ARG D 27 23.66 -22.30 -5.83
N THR D 28 23.09 -22.18 -7.04
CA THR D 28 22.03 -21.23 -7.31
C THR D 28 20.74 -21.92 -7.75
N PHE D 29 20.60 -23.21 -7.45
CA PHE D 29 19.50 -24.01 -7.98
C PHE D 29 18.14 -23.39 -7.66
N SER D 30 17.97 -22.87 -6.45
CA SER D 30 16.68 -22.31 -6.06
C SER D 30 16.38 -21.00 -6.75
N ASP D 31 17.33 -20.43 -7.50
CA ASP D 31 17.07 -19.25 -8.30
C ASP D 31 16.35 -19.56 -9.60
N TYR D 32 16.10 -20.82 -9.91
CA TYR D 32 15.63 -21.24 -11.23
C TYR D 32 14.28 -21.95 -11.14
N PHE D 33 13.33 -21.49 -11.96
CA PHE D 33 12.14 -22.24 -12.29
C PHE D 33 12.55 -23.38 -13.22
N MET D 34 12.29 -24.63 -12.81
CA MET D 34 12.75 -25.79 -13.56
C MET D 34 11.61 -26.41 -14.35
N GLY D 35 11.96 -27.05 -15.47
CA GLY D 35 10.96 -27.64 -16.34
C GLY D 35 11.48 -28.83 -17.12
N TRP D 36 10.53 -29.63 -17.61
CA TRP D 36 10.80 -30.74 -18.49
C TRP D 36 10.13 -30.51 -19.83
N PHE D 37 10.85 -30.81 -20.91
CA PHE D 37 10.36 -30.78 -22.28
C PHE D 37 10.68 -32.13 -22.93
N ARG D 38 10.04 -32.40 -24.07
CA ARG D 38 10.30 -33.66 -24.76
C ARG D 38 10.19 -33.47 -26.26
N GLN D 39 10.90 -34.31 -27.01
CA GLN D 39 10.76 -34.37 -28.46
C GLN D 39 10.47 -35.82 -28.85
N ALA D 40 9.27 -36.05 -29.34
CA ALA D 40 8.83 -37.36 -29.79
C ALA D 40 9.24 -37.58 -31.24
N PRO D 41 9.28 -38.83 -31.71
CA PRO D 41 9.58 -39.08 -33.13
C PRO D 41 8.66 -38.30 -34.05
N GLY D 42 9.25 -37.60 -35.01
CA GLY D 42 8.50 -36.91 -36.03
C GLY D 42 7.80 -35.64 -35.58
N LYS D 43 8.21 -35.06 -34.46
CA LYS D 43 7.53 -33.91 -33.90
C LYS D 43 8.53 -32.85 -33.47
N GLU D 44 8.03 -31.64 -33.28
CA GLU D 44 8.79 -30.59 -32.64
C GLU D 44 8.84 -30.83 -31.14
N ARG D 45 9.86 -30.26 -30.50
CA ARG D 45 9.95 -30.36 -29.04
C ARG D 45 8.76 -29.63 -28.41
N GLU D 46 8.27 -30.16 -27.30
CA GLU D 46 7.09 -29.59 -26.66
C GLU D 46 7.25 -29.57 -25.14
N PHE D 47 6.53 -28.64 -24.52
CA PHE D 47 6.50 -28.49 -23.08
C PHE D 47 5.84 -29.70 -22.42
N VAL D 48 6.34 -30.07 -21.24
CA VAL D 48 5.78 -31.19 -20.48
C VAL D 48 5.32 -30.73 -19.10
N ALA D 49 6.23 -30.16 -18.31
CA ALA D 49 5.91 -29.77 -16.94
C ALA D 49 6.94 -28.77 -16.43
N ALA D 50 6.55 -28.04 -15.38
CA ALA D 50 7.45 -27.08 -14.74
C ALA D 50 7.12 -26.97 -13.25
N VAL D 51 8.14 -26.63 -12.45
CA VAL D 51 7.98 -26.52 -11.00
C VAL D 51 8.70 -25.26 -10.52
N SER D 52 8.05 -24.49 -9.66
CA SER D 52 8.52 -23.16 -9.31
C SER D 52 9.77 -23.22 -8.44
N TRP D 53 10.34 -22.03 -8.22
CA TRP D 53 11.61 -21.87 -7.51
C TRP D 53 11.65 -22.65 -6.21
N SER D 54 10.67 -22.41 -5.32
CA SER D 54 10.61 -23.09 -4.04
C SER D 54 10.06 -24.50 -4.13
N GLY D 55 9.53 -24.91 -5.28
CA GLY D 55 8.82 -26.16 -5.40
C GLY D 55 7.35 -26.10 -5.04
N GLY D 56 6.83 -24.90 -4.75
CA GLY D 56 5.45 -24.79 -4.27
C GLY D 56 4.38 -24.92 -5.33
N SER D 57 4.68 -24.53 -6.57
CA SER D 57 3.70 -24.50 -7.65
C SER D 57 4.17 -25.33 -8.84
N THR D 58 3.22 -25.97 -9.51
CA THR D 58 3.52 -26.81 -10.66
C THR D 58 2.60 -26.47 -11.83
N TYR D 59 3.14 -26.62 -13.04
CA TYR D 59 2.41 -26.47 -14.29
C TYR D 59 2.59 -27.73 -15.12
N TYR D 60 1.54 -28.12 -15.84
CA TYR D 60 1.56 -29.35 -16.64
C TYR D 60 0.95 -29.10 -18.00
N ALA D 61 1.60 -29.62 -19.04
CA ALA D 61 1.00 -29.61 -20.37
C ALA D 61 -0.25 -30.48 -20.37
N ASP D 62 -1.23 -30.07 -21.19
CA ASP D 62 -2.51 -30.76 -21.22
C ASP D 62 -2.37 -32.22 -21.66
N SER D 63 -1.35 -32.52 -22.45
CA SER D 63 -1.17 -33.88 -22.95
C SER D 63 -0.76 -34.86 -21.86
N VAL D 64 -0.16 -34.38 -20.77
CA VAL D 64 0.31 -35.26 -19.70
C VAL D 64 -0.33 -34.95 -18.35
N LYS D 65 -1.11 -33.89 -18.24
CA LYS D 65 -1.70 -33.50 -16.96
C LYS D 65 -2.54 -34.64 -16.39
N GLY D 66 -2.28 -34.97 -15.13
CA GLY D 66 -2.95 -36.08 -14.47
C GLY D 66 -2.10 -37.32 -14.39
N ARG D 67 -1.32 -37.59 -15.45
CA ARG D 67 -0.48 -38.77 -15.53
C ARG D 67 0.95 -38.53 -15.08
N PHE D 68 1.51 -37.36 -15.38
CA PHE D 68 2.86 -36.99 -14.97
C PHE D 68 2.78 -35.99 -13.83
N THR D 69 3.74 -36.07 -12.90
CA THR D 69 3.89 -35.10 -11.83
C THR D 69 5.35 -34.72 -11.67
N ILE D 70 5.60 -33.47 -11.30
CA ILE D 70 6.95 -32.93 -11.19
C ILE D 70 7.17 -32.43 -9.77
N SER D 71 8.41 -32.55 -9.30
CA SER D 71 8.81 -32.05 -7.99
C SER D 71 10.29 -31.75 -8.00
N ARG D 72 10.78 -31.16 -6.90
CA ARG D 72 12.18 -30.80 -6.80
C ARG D 72 12.66 -30.93 -5.36
N ASP D 73 13.97 -31.15 -5.20
CA ASP D 73 14.63 -31.18 -3.90
C ASP D 73 15.75 -30.14 -3.93
N ASN D 74 15.50 -28.96 -3.34
CA ASN D 74 16.49 -27.90 -3.41
C ASN D 74 17.71 -28.19 -2.53
N ALA D 75 17.60 -29.12 -1.59
CA ALA D 75 18.77 -29.53 -0.83
C ALA D 75 19.71 -30.42 -1.63
N LYS D 76 19.21 -31.04 -2.71
CA LYS D 76 20.01 -31.95 -3.52
C LYS D 76 20.22 -31.49 -4.96
N ASN D 77 19.72 -30.31 -5.33
CA ASN D 77 19.87 -29.77 -6.69
C ASN D 77 19.32 -30.73 -7.74
N THR D 78 18.11 -31.25 -7.48
CA THR D 78 17.51 -32.24 -8.37
C THR D 78 16.06 -31.89 -8.65
N VAL D 79 15.64 -32.15 -9.89
CA VAL D 79 14.25 -32.12 -10.29
C VAL D 79 13.85 -33.52 -10.74
N PHE D 80 12.65 -33.95 -10.35
CA PHE D 80 12.13 -35.25 -10.70
C PHE D 80 10.88 -35.13 -11.57
N LEU D 81 10.74 -36.05 -12.50
CA LEU D 81 9.54 -36.17 -13.33
C LEU D 81 9.00 -37.57 -13.15
N GLN D 82 7.89 -37.69 -12.42
CA GLN D 82 7.23 -38.97 -12.22
C GLN D 82 6.23 -39.17 -13.35
N MET D 83 6.34 -40.29 -14.04
CA MET D 83 5.43 -40.64 -15.12
C MET D 83 4.63 -41.88 -14.70
N ASN D 84 3.30 -41.78 -14.76
CA ASN D 84 2.41 -42.91 -14.51
C ASN D 84 1.65 -43.22 -15.79
N SER D 85 1.18 -44.48 -15.88
CA SER D 85 0.38 -44.95 -17.02
C SER D 85 1.00 -44.53 -18.36
N LEU D 86 2.25 -44.96 -18.57
CA LEU D 86 2.97 -44.59 -19.78
C LEU D 86 2.29 -45.16 -21.02
N LYS D 87 2.32 -44.39 -22.10
CA LYS D 87 1.73 -44.75 -23.39
C LYS D 87 2.81 -44.73 -24.47
N PRO D 88 2.61 -45.46 -25.57
CA PRO D 88 3.57 -45.38 -26.69
C PRO D 88 3.85 -43.97 -27.15
N GLU D 89 2.86 -43.09 -27.08
CA GLU D 89 3.03 -41.69 -27.48
C GLU D 89 3.96 -40.92 -26.56
N ASP D 90 4.31 -41.49 -25.40
CA ASP D 90 5.27 -40.86 -24.49
C ASP D 90 6.72 -41.17 -24.83
N THR D 91 6.97 -42.04 -25.83
CA THR D 91 8.32 -42.26 -26.31
C THR D 91 8.90 -40.95 -26.85
N ALA D 92 10.06 -40.56 -26.33
CA ALA D 92 10.66 -39.27 -26.67
C ALA D 92 12.00 -39.14 -25.96
N VAL D 93 12.77 -38.13 -26.38
CA VAL D 93 13.90 -37.65 -25.60
C VAL D 93 13.40 -36.57 -24.66
N TYR D 94 13.65 -36.73 -23.36
CA TYR D 94 13.16 -35.81 -22.35
C TYR D 94 14.29 -34.88 -21.91
N TYR D 95 14.01 -33.59 -21.91
CA TYR D 95 15.02 -32.56 -21.69
C TYR D 95 14.73 -31.77 -20.42
N CYS D 96 15.75 -31.56 -19.60
N CYS D 96 15.76 -31.56 -19.61
CA CYS D 96 15.67 -30.73 -18.42
CA CYS D 96 15.67 -30.73 -18.42
C CYS D 96 16.10 -29.30 -18.76
C CYS D 96 16.09 -29.31 -18.75
N ALA D 97 15.44 -28.33 -18.14
CA ALA D 97 15.75 -26.93 -18.39
C ALA D 97 15.38 -26.06 -17.19
N GLY D 98 15.97 -24.86 -17.15
CA GLY D 98 15.72 -23.95 -16.05
C GLY D 98 15.99 -22.51 -16.43
N GLY D 99 15.37 -21.61 -15.67
CA GLY D 99 15.56 -20.18 -15.90
C GLY D 99 15.02 -19.38 -14.74
N GLY D 100 15.61 -18.20 -14.54
CA GLY D 100 15.20 -17.36 -13.43
C GLY D 100 13.80 -16.82 -13.57
N SER D 101 13.37 -16.53 -14.80
CA SER D 101 12.03 -16.07 -15.08
C SER D 101 11.24 -17.17 -15.80
N TYR D 102 9.94 -17.23 -15.53
CA TYR D 102 9.06 -18.23 -16.13
C TYR D 102 7.95 -17.55 -16.92
N TYR D 103 7.70 -18.04 -18.13
CA TYR D 103 6.68 -17.51 -19.04
C TYR D 103 5.56 -18.54 -19.15
N PRO D 104 4.47 -18.39 -18.39
CA PRO D 104 3.43 -19.44 -18.41
C PRO D 104 2.81 -19.67 -19.77
N MET D 105 2.68 -18.63 -20.60
CA MET D 105 2.08 -18.82 -21.91
C MET D 105 3.04 -19.40 -22.92
N SER D 106 4.33 -19.47 -22.59
CA SER D 106 5.35 -19.97 -23.54
C SER D 106 6.55 -20.44 -22.74
N PRO D 107 6.45 -21.60 -22.10
CA PRO D 107 7.42 -21.98 -21.06
C PRO D 107 8.86 -22.09 -21.53
N TYR D 108 9.11 -22.24 -22.83
CA TYR D 108 10.50 -22.30 -23.28
C TYR D 108 11.18 -20.92 -23.20
N ASP D 109 10.39 -19.84 -23.23
CA ASP D 109 10.96 -18.49 -23.40
C ASP D 109 11.89 -18.11 -22.24
N GLY D 110 11.56 -18.51 -21.03
CA GLY D 110 12.37 -18.12 -19.89
C GLY D 110 13.50 -19.06 -19.55
N MET D 111 13.61 -20.18 -20.27
CA MET D 111 14.66 -21.16 -19.99
C MET D 111 16.00 -20.66 -20.54
N ASP D 112 17.01 -20.63 -19.68
CA ASP D 112 18.34 -20.18 -20.07
C ASP D 112 19.38 -21.30 -20.06
N TYR D 113 19.06 -22.45 -19.49
CA TYR D 113 19.97 -23.59 -19.45
C TYR D 113 19.22 -24.86 -19.82
N TRP D 114 19.87 -25.75 -20.56
CA TRP D 114 19.24 -26.94 -21.11
C TRP D 114 20.16 -28.15 -20.91
N GLY D 115 19.59 -29.27 -20.48
CA GLY D 115 20.33 -30.51 -20.45
C GLY D 115 20.47 -31.10 -21.84
N LYS D 116 21.15 -32.25 -21.92
CA LYS D 116 21.37 -32.92 -23.18
C LYS D 116 20.31 -33.96 -23.51
N GLY D 117 19.46 -34.31 -22.56
CA GLY D 117 18.32 -35.17 -22.85
C GLY D 117 18.56 -36.61 -22.45
N THR D 118 17.47 -37.33 -22.18
CA THR D 118 17.50 -38.75 -21.89
C THR D 118 16.34 -39.44 -22.61
N GLN D 119 16.63 -40.58 -23.23
CA GLN D 119 15.64 -41.27 -24.05
C GLN D 119 14.71 -42.12 -23.19
N VAL D 120 13.42 -42.07 -23.53
CA VAL D 120 12.41 -42.94 -22.93
C VAL D 120 11.67 -43.62 -24.06
N THR D 121 11.61 -44.95 -24.03
CA THR D 121 10.94 -45.73 -25.07
C THR D 121 9.87 -46.60 -24.44
N VAL D 122 8.64 -46.43 -24.89
CA VAL D 122 7.48 -47.15 -24.36
C VAL D 122 7.00 -48.10 -25.45
N SER D 123 7.13 -49.41 -25.21
CA SER D 123 6.66 -50.40 -26.17
C SER D 123 5.42 -51.09 -25.62
N SER D 124 4.57 -51.54 -26.53
CA SER D 124 3.28 -52.12 -26.17
C SER D 124 3.25 -53.63 -26.43
S SO4 E . -12.50 -1.09 -3.31
O1 SO4 E . -13.08 -0.53 -2.09
O2 SO4 E . -11.89 -0.02 -4.09
O3 SO4 E . -11.48 -2.08 -2.97
O4 SO4 E . -13.56 -1.70 -4.10
S SO4 F . -1.85 -26.20 -15.53
O1 SO4 F . -2.51 -25.38 -14.50
O2 SO4 F . -0.83 -25.41 -16.20
O3 SO4 F . -1.23 -27.37 -14.90
O4 SO4 F . -2.84 -26.63 -16.52
S SO4 G . 12.62 -6.10 -15.21
O1 SO4 G . 12.30 -5.44 -13.95
O2 SO4 G . 12.34 -5.19 -16.32
O3 SO4 G . 14.03 -6.47 -15.22
O4 SO4 G . 11.80 -7.31 -15.36
S SO4 H . -4.60 7.92 -8.58
O1 SO4 H . -5.21 7.73 -7.26
O2 SO4 H . -3.34 8.64 -8.45
O3 SO4 H . -4.36 6.61 -9.19
O4 SO4 H . -5.50 8.69 -9.42
S SO4 I . -7.94 3.97 19.11
O1 SO4 I . -9.06 4.19 20.02
O2 SO4 I . -7.44 5.25 18.62
O3 SO4 I . -6.87 3.28 19.82
O4 SO4 I . -8.38 3.15 17.98
S SO4 J . -1.16 27.01 13.96
O1 SO4 J . -2.16 28.05 13.76
O2 SO4 J . 0.07 27.57 14.49
O3 SO4 J . -1.68 26.03 14.90
O4 SO4 J . -0.89 26.36 12.68
S SO4 K . -11.96 23.73 28.26
O1 SO4 K . -11.23 23.65 29.52
O2 SO4 K . -11.49 24.90 27.51
O3 SO4 K . -13.39 23.88 28.53
O4 SO4 K . -11.73 22.52 27.49
S SO4 L . -0.31 -27.45 -5.18
O1 SO4 L . -1.45 -27.30 -4.25
O2 SO4 L . 0.51 -26.25 -5.16
O3 SO4 L . 0.49 -28.60 -4.78
O4 SO4 L . -0.80 -27.68 -6.53
#